data_6WMD
#
_entry.id   6WMD
#
_cell.length_a   80.757
_cell.length_b   80.757
_cell.length_c   173.909
_cell.angle_alpha   90.000
_cell.angle_beta   90.000
_cell.angle_gamma   120.000
#
_symmetry.space_group_name_H-M   'P 63 2 2'
#
loop_
_entity.id
_entity.type
_entity.pdbx_description
1 polymer 'SUN domain-containing protein 2'
2 polymer Nesprin-4
3 non-polymer 'MAGNESIUM ION'
4 water water
#
loop_
_entity_poly.entity_id
_entity_poly.type
_entity_poly.pdbx_seq_one_letter_code
_entity_poly.pdbx_strand_id
1 'polypeptide(L)'
;GPGGSGGVTEEQVHHIVKQALQRYSEDRIGLADYALESGGASVISTRCSETYETKTALLSLFGIPLWYHSQSPRVILQPD
VHPGNCWAFQGPQGFAVVRLSARIRPTAVTLEHVPKALSPNSTISSAPKDFAIFGFDEDLQQEGTLLGKFTYDQDGEPIQ
TFHFQAPTMATYQVVELRILTNWGHPEYTCIYRFRVHGEPAH
;
A
2 'polypeptide(L)' GPGGSGSGGPCCSHARIPRTPYLVLSYVNGLPPV B
#
loop_
_chem_comp.id
_chem_comp.type
_chem_comp.name
_chem_comp.formula
MG non-polymer 'MAGNESIUM ION' 'Mg 2'
#
# COMPACT_ATOMS: atom_id res chain seq x y z
N GLY A 7 41.40 6.00 -7.14
CA GLY A 7 39.97 5.84 -7.02
C GLY A 7 39.55 4.93 -5.88
N VAL A 8 38.82 3.86 -6.22
CA VAL A 8 38.36 2.89 -5.24
C VAL A 8 39.02 1.56 -5.50
N THR A 9 39.16 0.76 -4.46
CA THR A 9 39.72 -0.56 -4.60
C THR A 9 38.62 -1.56 -4.94
N GLU A 10 39.03 -2.72 -5.48
CA GLU A 10 38.09 -3.79 -5.75
C GLU A 10 37.35 -4.20 -4.49
N GLU A 11 38.06 -4.26 -3.36
CA GLU A 11 37.42 -4.63 -2.10
C GLU A 11 36.35 -3.62 -1.71
N GLN A 12 36.62 -2.33 -1.93
CA GLN A 12 35.61 -1.30 -1.66
C GLN A 12 34.38 -1.48 -2.55
N VAL A 13 34.58 -1.84 -3.82
CA VAL A 13 33.43 -2.06 -4.69
C VAL A 13 32.58 -3.22 -4.19
N HIS A 14 33.22 -4.34 -3.85
CA HIS A 14 32.46 -5.48 -3.35
C HIS A 14 31.70 -5.12 -2.10
N HIS A 15 32.31 -4.31 -1.22
CA HIS A 15 31.65 -3.90 0.01
C HIS A 15 30.42 -3.04 -0.28
N ILE A 16 30.56 -2.07 -1.19
CA ILE A 16 29.43 -1.21 -1.54
C ILE A 16 28.28 -2.04 -2.12
N VAL A 17 28.61 -2.97 -3.00
CA VAL A 17 27.59 -3.80 -3.64
C VAL A 17 26.89 -4.69 -2.61
N LYS A 18 27.69 -5.35 -1.76
CA LYS A 18 27.14 -6.23 -0.73
C LYS A 18 26.15 -5.48 0.15
N GLN A 19 26.53 -4.28 0.59
CA GLN A 19 25.66 -3.53 1.50
C GLN A 19 24.41 -3.02 0.79
N ALA A 20 24.51 -2.65 -0.48
CA ALA A 20 23.33 -2.23 -1.21
C ALA A 20 22.34 -3.38 -1.39
N LEU A 21 22.85 -4.58 -1.66
CA LEU A 21 21.97 -5.73 -1.80
C LEU A 21 21.40 -6.17 -0.46
N GLN A 22 22.17 -6.03 0.63
N GLN A 22 22.16 -5.98 0.63
CA GLN A 22 21.62 -6.28 1.96
CA GLN A 22 21.63 -6.29 1.95
C GLN A 22 20.40 -5.39 2.20
C GLN A 22 20.46 -5.37 2.31
N ARG A 23 20.56 -4.08 1.97
CA ARG A 23 19.46 -3.16 2.20
C ARG A 23 18.27 -3.50 1.30
N TYR A 24 18.55 -3.81 0.03
CA TYR A 24 17.50 -4.20 -0.90
C TYR A 24 16.70 -5.37 -0.36
N SER A 25 17.40 -6.37 0.19
CA SER A 25 16.76 -7.58 0.69
C SER A 25 15.94 -7.34 1.95
N GLU A 26 16.21 -6.27 2.69
CA GLU A 26 15.48 -5.98 3.94
C GLU A 26 14.23 -5.16 3.64
N ASP A 27 13.34 -5.73 2.82
CA ASP A 27 12.10 -5.05 2.45
C ASP A 27 12.42 -3.67 1.87
N ARG A 28 13.53 -3.58 1.15
CA ARG A 28 14.04 -2.40 0.44
C ARG A 28 14.55 -1.27 1.31
N ILE A 29 13.99 -1.08 2.50
CA ILE A 29 14.24 0.10 3.31
C ILE A 29 14.79 -0.22 4.70
N GLY A 30 14.79 -1.47 5.14
CA GLY A 30 15.46 -1.80 6.38
C GLY A 30 14.77 -1.33 7.64
N LEU A 31 13.45 -1.16 7.61
CA LEU A 31 12.67 -0.72 8.78
C LEU A 31 11.53 -1.70 9.01
N ALA A 32 11.32 -2.06 10.28
CA ALA A 32 10.20 -2.94 10.59
C ALA A 32 8.88 -2.26 10.26
N ASP A 33 7.94 -3.05 9.76
CA ASP A 33 6.64 -2.54 9.30
C ASP A 33 5.55 -3.05 10.24
N TYR A 34 5.00 -2.15 11.07
CA TYR A 34 3.95 -2.50 12.00
C TYR A 34 2.58 -2.56 11.33
N ALA A 35 2.49 -2.22 10.05
CA ALA A 35 1.27 -2.38 9.28
C ALA A 35 1.27 -3.61 8.39
N LEU A 36 2.32 -4.43 8.42
CA LEU A 36 2.34 -5.63 7.59
C LEU A 36 1.36 -6.67 8.13
N GLU A 37 0.46 -7.14 7.25
CA GLU A 37 -0.60 -8.03 7.70
C GLU A 37 -0.05 -9.34 8.26
N SER A 38 0.93 -9.95 7.58
CA SER A 38 1.49 -11.20 8.06
C SER A 38 2.17 -11.07 9.42
N GLY A 39 2.65 -9.87 9.76
CA GLY A 39 3.23 -9.63 11.08
C GLY A 39 2.24 -9.37 12.19
N GLY A 40 0.95 -9.28 11.85
CA GLY A 40 -0.08 -9.09 12.86
C GLY A 40 -0.97 -7.86 12.71
N ALA A 41 -0.82 -7.11 11.62
CA ALA A 41 -1.67 -5.95 11.38
C ALA A 41 -2.92 -6.34 10.60
N SER A 42 -3.96 -5.52 10.70
CA SER A 42 -5.16 -5.79 9.92
C SER A 42 -5.91 -4.51 9.59
N VAL A 43 -6.63 -4.53 8.49
CA VAL A 43 -7.50 -3.42 8.13
C VAL A 43 -8.74 -3.47 9.01
N ILE A 44 -9.23 -2.31 9.43
CA ILE A 44 -10.54 -2.22 10.08
C ILE A 44 -11.55 -1.93 8.97
N SER A 45 -12.26 -2.98 8.54
CA SER A 45 -13.01 -2.95 7.29
C SER A 45 -14.06 -1.85 7.28
N THR A 46 -14.78 -1.69 8.39
CA THR A 46 -15.85 -0.69 8.43
C THR A 46 -15.33 0.74 8.46
N ARG A 47 -14.02 0.94 8.59
CA ARG A 47 -13.45 2.28 8.72
C ARG A 47 -12.62 2.66 7.50
N CYS A 48 -12.85 1.98 6.38
CA CYS A 48 -12.16 2.25 5.12
C CYS A 48 -13.18 2.77 4.11
N SER A 49 -12.69 3.49 3.11
CA SER A 49 -13.54 3.90 1.99
C SER A 49 -14.14 2.67 1.32
N GLU A 50 -15.30 2.86 0.69
CA GLU A 50 -15.86 1.82 -0.16
C GLU A 50 -14.88 1.48 -1.28
N THR A 51 -14.77 0.19 -1.60
CA THR A 51 -13.91 -0.24 -2.69
C THR A 51 -14.56 0.09 -4.02
N TYR A 52 -13.77 0.66 -4.93
CA TYR A 52 -14.22 0.89 -6.30
C TYR A 52 -14.25 -0.46 -7.02
N GLU A 53 -15.41 -0.88 -7.50
CA GLU A 53 -15.49 -2.15 -8.21
C GLU A 53 -15.85 -1.90 -9.67
N THR A 54 -15.07 -2.50 -10.57
CA THR A 54 -15.22 -2.33 -12.00
C THR A 54 -16.10 -3.39 -12.64
N LYS A 55 -16.31 -4.52 -11.97
CA LYS A 55 -17.02 -5.66 -12.54
C LYS A 55 -16.42 -6.09 -13.88
N THR A 56 -15.10 -6.31 -13.87
CA THR A 56 -14.44 -6.74 -15.09
C THR A 56 -13.72 -8.08 -14.98
N ALA A 57 -13.05 -8.35 -13.85
CA ALA A 57 -12.24 -9.57 -13.72
C ALA A 57 -13.16 -10.70 -13.28
N LEU A 58 -13.66 -11.46 -14.26
CA LEU A 58 -14.64 -12.52 -14.00
C LEU A 58 -13.92 -13.84 -13.79
N LEU A 59 -14.16 -14.47 -12.64
CA LEU A 59 -13.63 -15.80 -12.37
C LEU A 59 -14.69 -16.83 -12.72
N SER A 60 -14.27 -17.90 -13.37
CA SER A 60 -15.18 -18.97 -13.76
CA SER A 60 -15.16 -18.97 -13.80
C SER A 60 -14.55 -20.31 -13.46
N LEU A 61 -15.42 -21.32 -13.35
CA LEU A 61 -15.00 -22.69 -13.08
C LEU A 61 -15.93 -23.61 -13.86
N PHE A 62 -15.34 -24.55 -14.62
CA PHE A 62 -16.10 -25.46 -15.48
C PHE A 62 -17.08 -24.69 -16.38
N GLY A 63 -16.66 -23.52 -16.84
CA GLY A 63 -17.50 -22.68 -17.66
C GLY A 63 -18.58 -21.92 -16.92
N ILE A 64 -18.66 -22.04 -15.60
CA ILE A 64 -19.68 -21.36 -14.81
C ILE A 64 -19.09 -20.05 -14.30
N PRO A 65 -19.64 -18.90 -14.65
CA PRO A 65 -19.19 -17.64 -14.04
C PRO A 65 -19.51 -17.62 -12.56
N LEU A 66 -18.50 -17.32 -11.75
CA LEU A 66 -18.63 -17.33 -10.30
C LEU A 66 -18.85 -15.93 -9.74
N TRP A 67 -17.81 -15.09 -9.76
CA TRP A 67 -17.93 -13.73 -9.28
C TRP A 67 -16.84 -12.89 -9.92
N TYR A 68 -16.94 -11.58 -9.72
CA TYR A 68 -15.92 -10.65 -10.16
C TYR A 68 -14.90 -10.45 -9.05
N HIS A 69 -13.63 -10.37 -9.43
CA HIS A 69 -12.56 -10.23 -8.46
C HIS A 69 -12.09 -8.78 -8.40
N SER A 70 -12.09 -8.21 -7.20
CA SER A 70 -11.46 -6.93 -6.93
CA SER A 70 -11.50 -6.91 -6.92
C SER A 70 -10.65 -7.04 -5.66
N GLN A 71 -9.60 -6.23 -5.58
CA GLN A 71 -8.74 -6.25 -4.40
C GLN A 71 -9.41 -5.47 -3.27
N SER A 72 -9.36 -6.03 -2.07
CA SER A 72 -9.85 -5.36 -0.88
C SER A 72 -8.73 -4.54 -0.25
N PRO A 73 -9.03 -3.72 0.77
CA PRO A 73 -7.96 -2.91 1.38
C PRO A 73 -6.82 -3.73 1.97
N ARG A 74 -7.03 -5.03 2.24
CA ARG A 74 -5.97 -5.87 2.80
C ARG A 74 -4.70 -5.83 1.95
N VAL A 75 -4.83 -5.60 0.64
CA VAL A 75 -3.66 -5.68 -0.24
CA VAL A 75 -3.68 -5.66 -0.25
C VAL A 75 -2.64 -4.59 0.07
N ILE A 76 -3.07 -3.48 0.66
CA ILE A 76 -2.11 -2.41 0.99
C ILE A 76 -1.19 -2.80 2.14
N LEU A 77 -1.50 -3.89 2.83
CA LEU A 77 -0.69 -4.39 3.94
C LEU A 77 0.08 -5.64 3.54
N GLN A 78 0.23 -5.88 2.23
CA GLN A 78 0.87 -7.08 1.69
C GLN A 78 2.00 -6.65 0.76
N PRO A 79 3.06 -7.45 0.67
N PRO A 79 3.06 -7.45 0.63
CA PRO A 79 4.22 -7.10 -0.17
CA PRO A 79 4.27 -6.97 -0.04
C PRO A 79 4.21 -7.78 -1.53
C PRO A 79 4.30 -7.08 -1.56
N ASP A 80 3.28 -7.41 -2.39
N ASP A 80 3.32 -7.70 -2.21
CA ASP A 80 3.14 -8.02 -3.71
CA ASP A 80 3.42 -8.01 -3.64
C ASP A 80 2.86 -6.94 -4.75
C ASP A 80 2.85 -6.86 -4.48
N VAL A 81 3.72 -5.93 -4.83
CA VAL A 81 3.40 -4.73 -5.61
C VAL A 81 3.74 -5.01 -7.08
N HIS A 82 2.71 -5.22 -7.87
CA HIS A 82 2.76 -5.36 -9.32
C HIS A 82 1.54 -4.63 -9.84
N PRO A 83 1.59 -4.12 -11.08
CA PRO A 83 0.46 -3.37 -11.63
C PRO A 83 -0.87 -4.08 -11.45
N GLY A 84 -1.84 -3.36 -10.86
CA GLY A 84 -3.16 -3.92 -10.64
C GLY A 84 -3.36 -4.59 -9.29
N ASN A 85 -2.27 -4.91 -8.59
N ASN A 85 -2.29 -4.93 -8.60
CA ASN A 85 -2.31 -5.43 -7.22
CA ASN A 85 -2.43 -5.48 -7.24
C ASN A 85 -2.37 -4.25 -6.26
C ASN A 85 -2.41 -4.32 -6.25
N CYS A 86 -3.49 -3.54 -6.33
CA CYS A 86 -3.65 -2.34 -5.53
C CYS A 86 -5.11 -2.30 -5.11
N TRP A 87 -5.38 -1.51 -4.07
CA TRP A 87 -6.74 -1.24 -3.64
C TRP A 87 -7.17 0.11 -4.21
N ALA A 88 -8.35 0.15 -4.83
CA ALA A 88 -8.84 1.38 -5.43
C ALA A 88 -10.10 1.86 -4.74
N PHE A 89 -10.20 3.17 -4.56
CA PHE A 89 -11.44 3.82 -4.15
C PHE A 89 -11.82 4.86 -5.18
N GLN A 90 -13.10 5.24 -5.18
CA GLN A 90 -13.61 6.17 -6.19
C GLN A 90 -13.16 7.58 -5.88
N GLY A 91 -12.74 8.30 -6.92
CA GLY A 91 -12.37 9.69 -6.78
C GLY A 91 -11.00 9.90 -6.16
N PRO A 92 -10.68 11.16 -5.86
CA PRO A 92 -9.35 11.51 -5.33
C PRO A 92 -9.24 11.63 -3.81
N GLN A 93 -10.31 11.38 -3.06
CA GLN A 93 -10.31 11.43 -1.60
C GLN A 93 -10.78 10.09 -1.05
N GLY A 94 -10.03 9.54 -0.11
CA GLY A 94 -10.36 8.26 0.49
C GLY A 94 -9.51 8.03 1.70
N PHE A 95 -9.74 6.89 2.36
CA PHE A 95 -9.03 6.64 3.61
C PHE A 95 -9.06 5.16 3.93
N ALA A 96 -8.06 4.72 4.69
CA ALA A 96 -8.00 3.37 5.23
C ALA A 96 -7.50 3.45 6.65
N VAL A 97 -8.06 2.61 7.52
CA VAL A 97 -7.68 2.54 8.93
C VAL A 97 -7.09 1.15 9.20
N VAL A 98 -5.93 1.13 9.85
CA VAL A 98 -5.17 -0.10 10.10
C VAL A 98 -4.99 -0.25 11.60
N ARG A 99 -5.29 -1.46 12.11
CA ARG A 99 -4.88 -1.84 13.46
C ARG A 99 -3.48 -2.44 13.34
N LEU A 100 -2.49 -1.71 13.85
CA LEU A 100 -1.12 -2.15 13.78
C LEU A 100 -0.90 -3.44 14.57
N SER A 101 0.20 -4.13 14.26
CA SER A 101 0.53 -5.35 14.98
C SER A 101 0.94 -5.10 16.42
N ALA A 102 1.39 -3.89 16.74
CA ALA A 102 1.75 -3.57 18.12
C ALA A 102 1.53 -2.09 18.32
N ARG A 103 1.37 -1.72 19.59
CA ARG A 103 1.30 -0.31 19.98
C ARG A 103 2.70 0.30 19.89
N ILE A 104 2.83 1.40 19.14
CA ILE A 104 4.13 2.01 18.89
C ILE A 104 4.04 3.53 19.02
N ARG A 105 5.20 4.16 19.19
CA ARG A 105 5.37 5.57 18.91
C ARG A 105 5.69 5.69 17.43
N PRO A 106 4.78 6.17 16.58
CA PRO A 106 5.05 6.18 15.14
C PRO A 106 6.11 7.21 14.79
N THR A 107 7.10 6.80 14.01
CA THR A 107 8.17 7.70 13.61
C THR A 107 8.22 7.97 12.11
N ALA A 108 7.61 7.12 11.28
CA ALA A 108 7.64 7.31 9.84
C ALA A 108 6.56 6.46 9.21
N VAL A 109 6.22 6.79 7.97
CA VAL A 109 5.37 5.94 7.16
C VAL A 109 6.00 5.81 5.78
N THR A 110 5.64 4.74 5.08
CA THR A 110 6.10 4.53 3.71
C THR A 110 4.89 4.30 2.82
N LEU A 111 4.89 4.94 1.66
CA LEU A 111 3.88 4.71 0.63
C LEU A 111 4.62 4.38 -0.65
N GLU A 112 4.12 3.40 -1.40
CA GLU A 112 4.74 3.08 -2.68
C GLU A 112 3.67 2.93 -3.75
N HIS A 113 4.08 3.14 -4.99
CA HIS A 113 3.25 2.98 -6.17
C HIS A 113 4.08 2.24 -7.21
N VAL A 114 3.43 1.77 -8.27
CA VAL A 114 4.18 1.15 -9.35
C VAL A 114 5.03 2.19 -10.09
N PRO A 115 6.16 1.80 -10.66
CA PRO A 115 7.01 2.76 -11.37
C PRO A 115 6.42 3.21 -12.70
N LYS A 116 6.78 4.43 -13.11
CA LYS A 116 6.42 4.90 -14.44
C LYS A 116 6.91 3.96 -15.53
N ALA A 117 8.10 3.37 -15.36
CA ALA A 117 8.65 2.52 -16.42
C ALA A 117 7.81 1.28 -16.68
N LEU A 118 6.96 0.89 -15.73
CA LEU A 118 6.07 -0.26 -15.89
C LEU A 118 4.65 0.15 -16.20
N SER A 119 4.44 1.42 -16.55
CA SER A 119 3.11 1.97 -16.76
CA SER A 119 3.10 1.94 -16.76
C SER A 119 2.93 2.40 -18.21
N PRO A 120 1.77 2.14 -18.81
CA PRO A 120 1.48 2.66 -20.15
C PRO A 120 1.65 4.17 -20.18
N ASN A 121 2.35 4.65 -21.20
CA ASN A 121 2.61 6.08 -21.40
C ASN A 121 3.42 6.72 -20.27
N SER A 122 4.03 5.91 -19.40
CA SER A 122 4.90 6.41 -18.35
C SER A 122 4.17 7.33 -17.39
N THR A 123 2.86 7.12 -17.20
CA THR A 123 2.09 7.96 -16.28
C THR A 123 1.48 7.13 -15.16
N ILE A 124 1.38 7.75 -13.97
CA ILE A 124 0.81 7.12 -12.78
C ILE A 124 -0.22 8.06 -12.15
N SER A 125 -1.18 8.51 -12.94
CA SER A 125 -2.13 9.52 -12.48
C SER A 125 -3.05 9.02 -11.36
N SER A 126 -3.21 7.70 -11.21
CA SER A 126 -4.01 7.14 -10.11
C SER A 126 -3.28 7.15 -8.78
N ALA A 127 -2.00 7.53 -8.74
CA ALA A 127 -1.26 7.51 -7.49
C ALA A 127 -1.81 8.54 -6.51
N PRO A 128 -1.72 8.26 -5.20
CA PRO A 128 -2.03 9.29 -4.22
C PRO A 128 -1.04 10.43 -4.32
N LYS A 129 -1.53 11.63 -3.98
CA LYS A 129 -0.69 12.81 -3.94
C LYS A 129 -0.59 13.32 -2.51
N ASP A 130 -1.46 14.26 -2.10
CA ASP A 130 -1.40 14.76 -0.73
C ASP A 130 -2.10 13.78 0.20
N PHE A 131 -1.50 13.53 1.37
CA PHE A 131 -2.10 12.62 2.32
C PHE A 131 -1.77 13.07 3.74
N ALA A 132 -2.50 12.50 4.69
CA ALA A 132 -2.31 12.80 6.11
C ALA A 132 -2.40 11.51 6.89
N ILE A 133 -1.68 11.46 8.01
CA ILE A 133 -1.64 10.30 8.89
C ILE A 133 -2.22 10.70 10.24
N PHE A 134 -3.16 9.91 10.74
CA PHE A 134 -3.76 10.17 12.05
C PHE A 134 -3.58 8.96 12.94
N GLY A 135 -3.40 9.23 14.23
CA GLY A 135 -3.31 8.18 15.25
C GLY A 135 -4.55 8.20 16.14
N PHE A 136 -5.02 7.01 16.50
CA PHE A 136 -6.20 6.89 17.36
C PHE A 136 -5.81 6.18 18.65
N ASP A 137 -6.17 6.79 19.77
CA ASP A 137 -5.69 6.33 21.08
C ASP A 137 -6.12 4.91 21.38
N GLU A 138 -7.40 4.61 21.18
CA GLU A 138 -7.92 3.26 21.36
C GLU A 138 -8.57 2.79 20.06
N ASP A 139 -9.20 1.62 20.07
CA ASP A 139 -9.66 1.04 18.80
C ASP A 139 -10.99 1.61 18.36
N LEU A 140 -11.91 1.88 19.27
CA LEU A 140 -13.19 2.49 18.92
C LEU A 140 -13.27 3.88 19.56
N GLN A 141 -12.59 4.82 18.91
CA GLN A 141 -12.57 6.22 19.28
C GLN A 141 -12.79 7.04 18.02
N GLN A 142 -13.46 8.18 18.17
CA GLN A 142 -13.92 8.96 17.02
C GLN A 142 -12.91 9.96 16.49
N GLU A 143 -12.11 10.59 17.36
CA GLU A 143 -11.29 11.73 16.93
C GLU A 143 -9.81 11.39 16.96
N GLY A 144 -9.20 11.37 15.78
CA GLY A 144 -7.79 11.08 15.67
C GLY A 144 -6.92 12.30 15.90
N THR A 145 -5.65 12.02 16.16
CA THR A 145 -4.64 13.04 16.33
C THR A 145 -3.79 13.08 15.07
N LEU A 146 -3.64 14.26 14.49
CA LEU A 146 -2.81 14.41 13.30
C LEU A 146 -1.35 14.14 13.65
N LEU A 147 -0.74 13.18 12.95
CA LEU A 147 0.68 12.91 13.10
C LEU A 147 1.52 13.61 12.04
N GLY A 148 1.01 13.79 10.82
CA GLY A 148 1.76 14.53 9.82
C GLY A 148 1.02 14.55 8.50
N LYS A 149 1.41 15.49 7.66
CA LYS A 149 0.88 15.64 6.30
C LYS A 149 2.03 15.61 5.32
N PHE A 150 1.89 14.83 4.25
CA PHE A 150 2.97 14.60 3.30
C PHE A 150 2.40 14.55 1.89
N THR A 151 3.29 14.54 0.90
CA THR A 151 2.88 14.42 -0.50
C THR A 151 3.71 13.34 -1.16
N TYR A 152 3.03 12.33 -1.73
CA TYR A 152 3.69 11.33 -2.55
C TYR A 152 4.02 11.99 -3.90
N ASP A 153 5.30 11.98 -4.29
CA ASP A 153 5.76 12.70 -5.48
C ASP A 153 5.75 11.74 -6.67
N GLN A 154 4.87 12.00 -7.65
CA GLN A 154 4.82 11.13 -8.81
C GLN A 154 6.14 11.11 -9.58
N ASP A 155 7.00 12.13 -9.39
CA ASP A 155 8.28 12.19 -10.09
C ASP A 155 9.42 11.63 -9.26
N GLY A 156 9.12 11.08 -8.09
CA GLY A 156 10.14 10.53 -7.21
C GLY A 156 10.31 9.02 -7.39
N GLU A 157 10.99 8.42 -6.42
CA GLU A 157 11.20 6.99 -6.48
C GLU A 157 9.90 6.26 -6.15
N PRO A 158 9.72 5.04 -6.65
CA PRO A 158 8.47 4.32 -6.38
C PRO A 158 8.15 4.17 -4.90
N ILE A 159 9.14 3.85 -4.07
CA ILE A 159 8.96 3.73 -2.63
C ILE A 159 9.43 5.03 -1.97
N GLN A 160 8.53 5.69 -1.23
CA GLN A 160 8.84 6.94 -0.55
C GLN A 160 8.52 6.82 0.94
N THR A 161 9.53 7.06 1.77
CA THR A 161 9.39 7.03 3.21
C THR A 161 9.39 8.46 3.72
N PHE A 162 8.52 8.74 4.69
CA PHE A 162 8.34 10.07 5.25
C PHE A 162 8.49 10.00 6.75
N HIS A 163 9.49 10.68 7.29
CA HIS A 163 9.71 10.70 8.74
C HIS A 163 9.01 11.90 9.36
N PHE A 164 8.29 11.65 10.46
CA PHE A 164 7.69 12.74 11.22
C PHE A 164 8.78 13.62 11.80
N GLN A 165 8.58 14.94 11.74
CA GLN A 165 9.63 15.85 12.17
C GLN A 165 9.93 15.71 13.66
N ALA A 166 8.90 15.54 14.48
CA ALA A 166 9.05 15.55 15.93
C ALA A 166 7.92 14.76 16.58
N PRO A 167 7.96 13.45 16.48
CA PRO A 167 6.87 12.65 17.06
C PRO A 167 6.82 12.84 18.57
N THR A 168 5.60 12.94 19.09
CA THR A 168 5.43 13.02 20.53
C THR A 168 5.68 11.65 21.15
N MET A 169 5.61 11.60 22.48
CA MET A 169 5.75 10.34 23.19
C MET A 169 4.48 9.50 23.15
N ALA A 170 3.41 10.00 22.53
CA ALA A 170 2.17 9.25 22.47
C ALA A 170 2.34 7.97 21.69
N THR A 171 1.63 6.93 22.10
CA THR A 171 1.64 5.67 21.40
C THR A 171 0.25 5.38 20.84
N TYR A 172 0.22 4.59 19.76
CA TYR A 172 -1.01 4.25 19.06
C TYR A 172 -0.89 2.85 18.51
N GLN A 173 -2.03 2.15 18.47
CA GLN A 173 -2.14 0.90 17.72
C GLN A 173 -3.11 1.00 16.56
N VAL A 174 -3.75 2.15 16.35
CA VAL A 174 -4.67 2.34 15.24
C VAL A 174 -4.23 3.59 14.49
N VAL A 175 -4.05 3.47 13.17
CA VAL A 175 -3.56 4.56 12.34
C VAL A 175 -4.45 4.68 11.12
N GLU A 176 -4.73 5.92 10.71
CA GLU A 176 -5.48 6.20 9.49
C GLU A 176 -4.56 6.81 8.44
N LEU A 177 -4.61 6.25 7.22
CA LEU A 177 -4.05 6.86 6.02
C LEU A 177 -5.20 7.60 5.34
N ARG A 178 -5.11 8.93 5.27
CA ARG A 178 -6.15 9.74 4.65
C ARG A 178 -5.61 10.35 3.38
N ILE A 179 -6.17 9.96 2.23
CA ILE A 179 -5.73 10.49 0.95
C ILE A 179 -6.55 11.72 0.66
N LEU A 180 -5.88 12.86 0.43
CA LEU A 180 -6.54 14.13 0.21
C LEU A 180 -6.65 14.52 -1.26
N THR A 181 -5.67 14.14 -2.07
CA THR A 181 -5.70 14.38 -3.52
C THR A 181 -4.98 13.22 -4.20
N ASN A 182 -5.19 13.09 -5.51
CA ASN A 182 -4.44 12.14 -6.34
C ASN A 182 -3.69 12.88 -7.46
N TRP A 183 -3.02 12.11 -8.31
CA TRP A 183 -2.23 12.68 -9.40
C TRP A 183 -3.04 12.89 -10.69
N GLY A 184 -4.37 12.99 -10.59
CA GLY A 184 -5.18 13.46 -11.68
C GLY A 184 -6.13 12.44 -12.28
N HIS A 185 -6.06 11.18 -11.87
CA HIS A 185 -6.92 10.18 -12.48
C HIS A 185 -8.38 10.57 -12.23
N PRO A 186 -9.21 10.61 -13.28
CA PRO A 186 -10.57 11.15 -13.12
C PRO A 186 -11.56 10.18 -12.51
N GLU A 187 -11.21 8.91 -12.32
CA GLU A 187 -12.16 7.92 -11.82
C GLU A 187 -11.82 7.38 -10.45
N TYR A 188 -10.55 7.16 -10.14
CA TYR A 188 -10.21 6.44 -8.93
C TYR A 188 -8.79 6.80 -8.50
N THR A 189 -8.45 6.36 -7.29
CA THR A 189 -7.09 6.41 -6.76
C THR A 189 -6.71 5.00 -6.37
N CYS A 190 -5.46 4.61 -6.66
CA CYS A 190 -4.97 3.25 -6.38
C CYS A 190 -3.87 3.33 -5.32
N ILE A 191 -3.99 2.51 -4.28
CA ILE A 191 -2.98 2.40 -3.24
C ILE A 191 -2.33 1.03 -3.32
N TYR A 192 -1.01 1.01 -3.51
CA TYR A 192 -0.29 -0.26 -3.63
C TYR A 192 0.16 -0.84 -2.29
N ARG A 193 0.91 -0.07 -1.50
CA ARG A 193 1.32 -0.57 -0.19
C ARG A 193 1.61 0.59 0.75
N PHE A 194 1.11 0.46 1.98
CA PHE A 194 1.30 1.43 3.05
C PHE A 194 1.98 0.74 4.21
N ARG A 195 3.02 1.38 4.75
CA ARG A 195 3.78 0.84 5.88
C ARG A 195 3.83 1.87 7.00
N VAL A 196 3.92 1.38 8.24
CA VAL A 196 4.04 2.25 9.41
C VAL A 196 5.23 1.81 10.23
N HIS A 197 6.10 2.74 10.59
CA HIS A 197 7.34 2.45 11.30
C HIS A 197 7.34 3.20 12.63
N GLY A 198 8.05 2.65 13.61
CA GLY A 198 8.15 3.35 14.88
C GLY A 198 8.79 2.51 15.96
N GLU A 199 8.59 2.96 17.20
CA GLU A 199 9.28 2.41 18.36
C GLU A 199 8.30 1.62 19.19
N PRO A 200 8.47 0.30 19.31
CA PRO A 200 7.58 -0.51 20.13
C PRO A 200 8.00 -0.45 21.60
N ALA A 201 7.22 -1.11 22.44
CA ALA A 201 7.60 -1.30 23.83
C ALA A 201 8.84 -2.19 23.90
N HIS A 202 9.60 -2.02 24.97
CA HIS A 202 10.73 -2.92 25.18
C HIS A 202 10.92 -3.24 26.66
N PRO B 18 -11.38 -36.32 -8.57
CA PRO B 18 -12.14 -35.85 -9.74
C PRO B 18 -11.28 -35.07 -10.73
N ARG B 19 -11.94 -34.48 -11.71
CA ARG B 19 -11.24 -33.73 -12.75
C ARG B 19 -10.46 -32.56 -12.15
N THR B 20 -9.27 -32.31 -12.70
CA THR B 20 -8.43 -31.21 -12.25
C THR B 20 -9.13 -29.89 -12.47
N PRO B 21 -9.51 -29.18 -11.41
CA PRO B 21 -10.19 -27.90 -11.60
C PRO B 21 -9.19 -26.79 -11.90
N TYR B 22 -9.66 -25.79 -12.64
CA TYR B 22 -8.86 -24.63 -12.99
C TYR B 22 -9.76 -23.41 -12.91
N LEU B 23 -9.38 -22.44 -12.08
CA LEU B 23 -10.10 -21.17 -12.03
C LEU B 23 -9.66 -20.32 -13.22
N VAL B 24 -10.61 -19.94 -14.06
CA VAL B 24 -10.34 -19.16 -15.27
C VAL B 24 -10.65 -17.70 -14.96
N LEU B 25 -9.78 -16.79 -15.41
N LEU B 25 -9.74 -16.81 -15.37
CA LEU B 25 -9.98 -15.36 -15.21
CA LEU B 25 -9.95 -15.38 -15.26
C LEU B 25 -10.04 -14.69 -16.57
C LEU B 25 -10.13 -14.83 -16.67
N SER B 26 -11.17 -14.02 -16.85
CA SER B 26 -11.36 -13.29 -18.10
C SER B 26 -11.77 -11.87 -17.77
N TYR B 27 -11.23 -10.90 -18.52
CA TYR B 27 -11.61 -9.51 -18.37
C TYR B 27 -12.72 -9.20 -19.37
N VAL B 28 -13.91 -8.90 -18.86
CA VAL B 28 -15.10 -8.74 -19.70
C VAL B 28 -15.59 -7.31 -19.79
N ASN B 29 -14.99 -6.38 -19.05
CA ASN B 29 -15.43 -4.99 -19.00
C ASN B 29 -14.23 -4.05 -18.90
N GLY B 30 -13.20 -4.31 -19.70
CA GLY B 30 -12.05 -3.42 -19.75
C GLY B 30 -11.09 -3.58 -18.60
N LEU B 31 -10.28 -2.54 -18.41
CA LEU B 31 -9.14 -2.61 -17.51
C LEU B 31 -9.58 -2.62 -16.05
N PRO B 32 -8.85 -3.36 -15.21
CA PRO B 32 -9.01 -3.19 -13.77
C PRO B 32 -8.30 -1.92 -13.35
N PRO B 33 -8.53 -1.43 -12.12
CA PRO B 33 -7.78 -0.25 -11.67
C PRO B 33 -6.30 -0.56 -11.53
N VAL B 34 -5.46 0.37 -12.01
CA VAL B 34 -4.00 0.21 -11.97
C VAL B 34 -3.39 1.52 -11.53
MG MG C . 6.89 15.67 -15.83
MG MG D . -15.20 11.35 -3.12
#